data_3P0F
#
_entry.id   3P0F
#
_cell.length_a   59.696
_cell.length_b   59.696
_cell.length_c   189.307
_cell.angle_alpha   90.000
_cell.angle_beta   90.000
_cell.angle_gamma   90.000
#
_symmetry.space_group_name_H-M   'P 43 21 2'
#
loop_
_entity.id
_entity.type
_entity.pdbx_description
1 polymer 'Uridine phosphorylase 2'
2 non-polymer 1-((2-HYDROXYETHOXY)METHYL)-5-BENZYLPYRIMIDINE-2,4(1H,3H)-DIONE
3 non-polymer 'COBALT (II) ION'
4 non-polymer 'MAGNESIUM ION'
5 water water
#
_entity_poly.entity_id   1
_entity_poly.type   'polypeptide(L)'
_entity_poly.pdbx_seq_one_letter_code
;GSSGKRFVHVKNPYLDLMDEDILYHLDLGTKTHNLPAMFGDVKFVCVGGSPNRMKAFALFMHKELGFEEAEEDIKDICAG
TDRYCMYKTGPVLAISHGMGIPSISIMLHELIKLLHHARCCDVTIIRIGTSGGIGIAPGTVVITDIAVDSFFKPRFEQVI
LDNIVTRSTELDKELSEELFNCSKEIPNFPTLVGHTMCTYDFYEGQGRLDGALCSFSREKKLDYLKRAFKAGVRNIEMES
TVFAAMCGLCGLKAAVVCVTLLDRLDCDQINLPHDVLVEYQQRPQLLISNFIRRRLG
;
_entity_poly.pdbx_strand_id   A
#
loop_
_chem_comp.id
_chem_comp.type
_chem_comp.name
_chem_comp.formula
BAU non-polymer 1-((2-HYDROXYETHOXY)METHYL)-5-BENZYLPYRIMIDINE-2,4(1H,3H)-DIONE 'C14 H16 N2 O4'
CO non-polymer 'COBALT (II) ION' 'Co 2'
MG non-polymer 'MAGNESIUM ION' 'Mg 2'
#
# COMPACT_ATOMS: atom_id res chain seq x y z
N LYS A 5 -22.87 -6.51 -8.21
CA LYS A 5 -21.45 -6.97 -8.18
C LYS A 5 -20.54 -6.02 -8.95
N ARG A 6 -19.57 -5.46 -8.24
CA ARG A 6 -18.59 -4.54 -8.80
C ARG A 6 -17.37 -5.33 -9.27
N PHE A 7 -17.31 -5.60 -10.58
CA PHE A 7 -16.18 -6.32 -11.14
C PHE A 7 -14.98 -5.39 -11.30
N VAL A 8 -13.79 -5.99 -11.21
CA VAL A 8 -12.56 -5.25 -11.40
C VAL A 8 -12.43 -4.98 -12.89
N HIS A 9 -12.26 -3.70 -13.23
CA HIS A 9 -12.17 -3.23 -14.61
C HIS A 9 -10.73 -2.95 -14.98
N VAL A 10 -10.42 -3.09 -16.26
CA VAL A 10 -9.21 -2.50 -16.84
C VAL A 10 -9.64 -1.37 -17.76
N LYS A 11 -8.71 -0.50 -18.13
CA LYS A 11 -8.97 0.58 -19.08
C LYS A 11 -7.98 0.44 -20.23
N ASN A 12 -8.20 -0.60 -21.02
CA ASN A 12 -7.28 -0.95 -22.09
C ASN A 12 -8.01 -1.80 -23.11
N PRO A 13 -8.41 -1.19 -24.23
CA PRO A 13 -9.16 -1.96 -25.23
C PRO A 13 -8.35 -3.02 -25.93
N TYR A 14 -7.03 -2.96 -25.85
CA TYR A 14 -6.22 -3.99 -26.49
C TYR A 14 -6.17 -5.32 -25.74
N LEU A 15 -6.40 -5.29 -24.43
CA LEU A 15 -6.19 -6.46 -23.62
C LEU A 15 -7.05 -7.65 -24.06
N ASP A 16 -8.34 -7.40 -24.33
CA ASP A 16 -9.26 -8.48 -24.74
C ASP A 16 -8.94 -9.05 -26.12
N LEU A 17 -8.15 -8.32 -26.90
CA LEU A 17 -7.78 -8.72 -28.25
C LEU A 17 -6.56 -9.65 -28.26
N MET A 18 -5.88 -9.77 -27.12
CA MET A 18 -4.69 -10.64 -27.05
C MET A 18 -5.04 -12.12 -26.96
N ASP A 19 -4.27 -12.96 -27.66
CA ASP A 19 -4.41 -14.42 -27.54
C ASP A 19 -4.17 -14.88 -26.11
N GLU A 20 -3.16 -14.29 -25.48
CA GLU A 20 -2.78 -14.65 -24.12
C GLU A 20 -2.15 -13.44 -23.43
N ASP A 21 -2.29 -13.38 -22.10
CA ASP A 21 -1.67 -12.32 -21.29
C ASP A 21 -0.71 -12.97 -20.30
N ILE A 22 0.55 -12.56 -20.39
CA ILE A 22 1.60 -13.05 -19.53
C ILE A 22 1.89 -11.96 -18.50
N LEU A 23 1.65 -12.31 -17.23
CA LEU A 23 1.95 -11.41 -16.10
C LEU A 23 3.35 -11.74 -15.62
N TYR A 24 4.37 -11.20 -16.29
CA TYR A 24 5.75 -11.63 -16.07
C TYR A 24 6.16 -11.46 -14.60
N HIS A 25 5.82 -10.33 -14.00
CA HIS A 25 6.36 -10.07 -12.66
C HIS A 25 5.58 -10.75 -11.57
N LEU A 26 4.47 -11.38 -11.94
CA LEU A 26 3.75 -12.24 -10.99
C LEU A 26 4.01 -13.73 -11.23
N ASP A 27 4.62 -14.05 -12.37
CA ASP A 27 4.89 -15.44 -12.78
C ASP A 27 3.57 -16.20 -12.98
N LEU A 28 2.61 -15.51 -13.58
CA LEU A 28 1.31 -16.07 -13.92
C LEU A 28 0.99 -15.71 -15.36
N GLY A 29 0.02 -16.41 -15.94
CA GLY A 29 -0.50 -16.07 -17.28
C GLY A 29 -1.85 -16.70 -17.52
N THR A 30 -2.59 -16.17 -18.50
CA THR A 30 -3.94 -16.67 -18.81
C THR A 30 -3.94 -18.07 -19.45
N LYS A 31 -2.84 -18.42 -20.11
CA LYS A 31 -2.75 -19.72 -20.81
C LYS A 31 -2.11 -20.77 -19.91
N THR A 32 -1.13 -20.36 -19.10
CA THR A 32 -0.40 -21.26 -18.23
C THR A 32 -1.14 -21.61 -16.92
N HIS A 33 -2.12 -20.78 -16.56
CA HIS A 33 -2.85 -20.91 -15.30
C HIS A 33 -4.34 -20.72 -15.47
N ASN A 34 -5.10 -21.37 -14.60
CA ASN A 34 -6.52 -21.12 -14.52
C ASN A 34 -6.78 -20.03 -13.49
N LEU A 35 -6.78 -18.79 -13.97
CA LEU A 35 -6.83 -17.64 -13.06
C LEU A 35 -8.16 -17.49 -12.32
N PRO A 36 -9.31 -17.71 -13.00
CA PRO A 36 -10.56 -17.73 -12.24
C PRO A 36 -10.59 -18.76 -11.12
N ALA A 37 -10.12 -19.99 -11.38
CA ALA A 37 -10.00 -21.03 -10.34
C ALA A 37 -9.10 -20.65 -9.18
N MET A 38 -7.95 -20.05 -9.50
CA MET A 38 -6.94 -19.73 -8.50
C MET A 38 -7.31 -18.51 -7.65
N PHE A 39 -7.94 -17.51 -8.27
CA PHE A 39 -8.14 -16.20 -7.62
C PHE A 39 -9.55 -15.63 -7.63
N GLY A 40 -10.52 -16.31 -8.24
CA GLY A 40 -11.86 -15.72 -8.37
C GLY A 40 -12.53 -15.40 -7.05
N ASP A 41 -12.09 -16.09 -5.98
CA ASP A 41 -12.65 -15.92 -4.63
C ASP A 41 -12.00 -14.80 -3.80
N VAL A 42 -11.05 -14.08 -4.39
CA VAL A 42 -10.37 -13.00 -3.65
C VAL A 42 -11.31 -11.84 -3.44
N LYS A 43 -11.42 -11.39 -2.17
CA LYS A 43 -12.21 -10.23 -1.80
C LYS A 43 -11.38 -9.09 -1.18
N PHE A 44 -10.20 -9.44 -0.67
CA PHE A 44 -9.33 -8.49 0.02
C PHE A 44 -7.92 -8.68 -0.46
N VAL A 45 -7.31 -7.59 -0.93
CA VAL A 45 -5.92 -7.63 -1.34
C VAL A 45 -5.19 -6.68 -0.40
N CYS A 46 -4.16 -7.19 0.25
CA CYS A 46 -3.32 -6.37 1.12
CA CYS A 46 -3.33 -6.34 1.08
C CYS A 46 -1.95 -6.30 0.49
N VAL A 47 -1.42 -5.07 0.32
CA VAL A 47 -0.13 -4.90 -0.36
C VAL A 47 0.84 -4.18 0.57
N GLY A 48 2.11 -4.54 0.45
CA GLY A 48 3.14 -3.96 1.31
C GLY A 48 4.50 -4.22 0.70
N GLY A 49 5.54 -3.66 1.32
CA GLY A 49 6.86 -3.68 0.69
C GLY A 49 7.52 -5.02 0.43
N SER A 50 7.82 -5.77 1.49
CA SER A 50 8.71 -6.91 1.32
C SER A 50 7.99 -8.26 1.27
N PRO A 51 8.57 -9.22 0.53
CA PRO A 51 8.08 -10.60 0.55
C PRO A 51 7.90 -11.12 2.00
N ASN A 52 8.92 -10.93 2.83
CA ASN A 52 8.85 -11.42 4.21
C ASN A 52 7.70 -10.79 5.00
N ARG A 53 7.48 -9.47 4.87
CA ARG A 53 6.37 -8.78 5.57
C ARG A 53 5.06 -9.42 5.14
N MET A 54 4.93 -9.64 3.84
CA MET A 54 3.64 -10.09 3.29
C MET A 54 3.38 -11.58 3.59
N LYS A 55 4.43 -12.38 3.58
CA LYS A 55 4.34 -13.79 4.05
C LYS A 55 3.91 -13.82 5.52
N ALA A 56 4.47 -12.94 6.33
CA ALA A 56 4.10 -12.88 7.74
C ALA A 56 2.66 -12.42 7.93
N PHE A 57 2.23 -11.47 7.11
CA PHE A 57 0.85 -11.01 7.09
C PHE A 57 -0.08 -12.18 6.78
N ALA A 58 0.27 -12.99 5.78
CA ALA A 58 -0.58 -14.12 5.40
C ALA A 58 -0.69 -15.12 6.56
N LEU A 59 0.42 -15.35 7.27
CA LEU A 59 0.41 -16.29 8.42
C LEU A 59 -0.47 -15.72 9.53
N PHE A 60 -0.38 -14.41 9.75
CA PHE A 60 -1.21 -13.73 10.71
C PHE A 60 -2.69 -13.89 10.35
N MET A 61 -3.01 -13.76 9.06
CA MET A 61 -4.39 -14.00 8.60
C MET A 61 -4.88 -15.40 8.92
N HIS A 62 -4.02 -16.40 8.71
CA HIS A 62 -4.34 -17.77 9.08
C HIS A 62 -4.65 -17.83 10.57
N LYS A 63 -3.80 -17.22 11.39
CA LYS A 63 -3.94 -17.39 12.85
C LYS A 63 -5.12 -16.60 13.38
N GLU A 64 -5.39 -15.43 12.80
CA GLU A 64 -6.41 -14.55 13.32
C GLU A 64 -7.81 -14.84 12.83
N LEU A 65 -7.92 -15.29 11.58
CA LEU A 65 -9.21 -15.47 10.94
C LEU A 65 -9.52 -16.94 10.59
N GLY A 66 -8.50 -17.79 10.68
CA GLY A 66 -8.65 -19.25 10.48
C GLY A 66 -8.74 -19.71 9.04
N PHE A 67 -8.37 -18.81 8.11
CA PHE A 67 -8.33 -19.13 6.70
C PHE A 67 -7.22 -20.16 6.44
N GLU A 68 -7.39 -20.97 5.41
CA GLU A 68 -6.39 -21.94 4.99
C GLU A 68 -5.04 -21.26 4.79
N GLU A 69 -3.97 -21.85 5.31
CA GLU A 69 -2.64 -21.27 5.22
C GLU A 69 -2.12 -21.23 3.78
N ALA A 70 -1.39 -20.17 3.44
CA ALA A 70 -0.78 -20.05 2.11
C ALA A 70 0.18 -21.23 1.83
N GLU A 71 0.03 -21.88 0.67
CA GLU A 71 0.90 -22.99 0.29
C GLU A 71 2.30 -22.53 -0.08
N GLU A 72 3.30 -23.34 0.27
CA GLU A 72 4.70 -23.07 -0.06
C GLU A 72 5.22 -24.14 -1.01
N ASP A 73 5.69 -23.72 -2.19
CA ASP A 73 6.43 -24.60 -3.09
C ASP A 73 7.92 -24.35 -2.87
N ILE A 74 8.61 -25.33 -2.29
CA ILE A 74 10.01 -25.15 -1.87
C ILE A 74 11.01 -25.14 -3.03
N LYS A 75 10.56 -25.54 -4.21
CA LYS A 75 11.40 -25.54 -5.42
C LYS A 75 11.20 -24.28 -6.27
N ASP A 76 10.30 -23.40 -5.83
CA ASP A 76 10.13 -22.09 -6.46
C ASP A 76 9.76 -21.04 -5.42
N ILE A 77 10.75 -20.65 -4.60
CA ILE A 77 10.54 -19.62 -3.58
C ILE A 77 10.69 -18.24 -4.24
N CYS A 78 9.71 -17.38 -4.02
CA CYS A 78 9.65 -16.08 -4.68
C CYS A 78 10.60 -15.04 -4.07
N ALA A 79 10.77 -15.09 -2.76
CA ALA A 79 11.59 -14.12 -2.05
C ALA A 79 13.02 -14.10 -2.60
N GLY A 80 13.49 -12.92 -3.00
CA GLY A 80 14.84 -12.80 -3.58
C GLY A 80 14.84 -12.67 -5.10
N THR A 81 13.72 -13.02 -5.74
CA THR A 81 13.61 -12.94 -7.19
C THR A 81 13.20 -11.54 -7.62
N ASP A 82 13.03 -11.34 -8.93
CA ASP A 82 12.54 -10.07 -9.46
C ASP A 82 11.01 -10.05 -9.56
N ARG A 83 10.36 -11.04 -8.96
CA ARG A 83 8.90 -11.10 -8.98
C ARG A 83 8.28 -10.48 -7.73
N TYR A 84 7.02 -10.09 -7.85
CA TYR A 84 6.21 -9.72 -6.70
C TYR A 84 5.58 -10.98 -6.09
N CYS A 85 5.71 -11.10 -4.78
CA CYS A 85 5.43 -12.36 -4.11
C CYS A 85 4.05 -12.35 -3.53
N MET A 86 3.30 -13.43 -3.80
CA MET A 86 1.90 -13.52 -3.44
C MET A 86 1.68 -14.63 -2.40
N TYR A 87 0.82 -14.34 -1.45
CA TYR A 87 0.51 -15.30 -0.37
C TYR A 87 -0.99 -15.22 -0.13
N LYS A 88 -1.69 -16.28 -0.53
CA LYS A 88 -3.16 -16.29 -0.49
C LYS A 88 -3.65 -17.13 0.69
N THR A 89 -4.59 -16.58 1.44
CA THR A 89 -5.22 -17.28 2.57
C THR A 89 -6.74 -17.07 2.46
N GLY A 90 -7.44 -18.07 1.91
CA GLY A 90 -8.87 -17.90 1.68
C GLY A 90 -9.13 -16.68 0.79
N PRO A 91 -10.04 -15.77 1.23
CA PRO A 91 -10.39 -14.62 0.39
C PRO A 91 -9.39 -13.45 0.46
N VAL A 92 -8.30 -13.64 1.20
CA VAL A 92 -7.29 -12.59 1.35
C VAL A 92 -6.07 -12.91 0.51
N LEU A 93 -5.65 -11.94 -0.32
CA LEU A 93 -4.42 -12.10 -1.08
C LEU A 93 -3.43 -11.03 -0.63
N ALA A 94 -2.28 -11.48 -0.12
CA ALA A 94 -1.19 -10.58 0.29
C ALA A 94 -0.16 -10.53 -0.83
N ILE A 95 0.30 -9.33 -1.20
CA ILE A 95 1.29 -9.21 -2.29
C ILE A 95 2.33 -8.16 -1.97
N SER A 96 3.59 -8.49 -2.23
CA SER A 96 4.69 -7.52 -2.04
C SER A 96 4.80 -6.56 -3.23
N HIS A 97 5.35 -5.37 -2.97
CA HIS A 97 5.45 -4.37 -4.05
C HIS A 97 6.78 -3.63 -4.11
N GLY A 98 7.72 -3.96 -3.22
CA GLY A 98 9.03 -3.29 -3.21
C GLY A 98 8.91 -1.83 -2.83
N MET A 99 9.89 -1.00 -3.22
CA MET A 99 9.87 0.38 -2.77
C MET A 99 9.68 1.35 -3.91
N GLY A 100 8.69 2.23 -3.73
CA GLY A 100 8.58 3.39 -4.62
C GLY A 100 7.52 3.26 -5.69
N ILE A 101 7.17 4.42 -6.26
CA ILE A 101 6.11 4.52 -7.24
C ILE A 101 6.27 3.57 -8.45
N PRO A 102 7.44 3.60 -9.15
CA PRO A 102 7.56 2.65 -10.29
C PRO A 102 7.40 1.20 -9.90
N SER A 103 7.98 0.81 -8.77
CA SER A 103 7.90 -0.60 -8.37
C SER A 103 6.45 -1.01 -8.12
N ILE A 104 5.71 -0.22 -7.34
CA ILE A 104 4.33 -0.59 -7.06
C ILE A 104 3.45 -0.52 -8.32
N SER A 105 3.79 0.40 -9.23
CA SER A 105 2.99 0.56 -10.46
C SER A 105 3.06 -0.71 -11.31
N ILE A 106 4.22 -1.37 -11.38
CA ILE A 106 4.29 -2.59 -12.20
C ILE A 106 3.40 -3.66 -11.56
N MET A 107 3.53 -3.78 -10.24
CA MET A 107 2.74 -4.77 -9.51
C MET A 107 1.24 -4.49 -9.74
N LEU A 108 0.84 -3.23 -9.63
CA LEU A 108 -0.59 -2.86 -9.76
C LEU A 108 -1.14 -3.12 -11.17
N HIS A 109 -0.34 -2.85 -12.18
CA HIS A 109 -0.81 -3.16 -13.54
C HIS A 109 -1.12 -4.66 -13.65
N GLU A 110 -0.22 -5.50 -13.16
CA GLU A 110 -0.38 -6.93 -13.32
C GLU A 110 -1.42 -7.48 -12.36
N LEU A 111 -1.49 -6.92 -11.15
CA LEU A 111 -2.54 -7.36 -10.17
C LEU A 111 -3.93 -7.00 -10.64
N ILE A 112 -4.10 -5.78 -11.14
CA ILE A 112 -5.43 -5.36 -11.60
C ILE A 112 -5.85 -6.27 -12.77
N LYS A 113 -4.92 -6.53 -13.69
CA LYS A 113 -5.22 -7.46 -14.80
C LYS A 113 -5.57 -8.84 -14.27
N LEU A 114 -4.79 -9.34 -13.30
CA LEU A 114 -5.09 -10.64 -12.65
C LEU A 114 -6.53 -10.70 -12.12
N LEU A 115 -6.95 -9.69 -11.35
CA LEU A 115 -8.29 -9.65 -10.75
C LEU A 115 -9.37 -9.61 -11.83
N HIS A 116 -9.08 -8.90 -12.92
CA HIS A 116 -9.96 -8.85 -14.07
C HIS A 116 -10.06 -10.23 -14.75
N HIS A 117 -8.92 -10.86 -15.02
CA HIS A 117 -8.90 -12.18 -15.66
C HIS A 117 -9.63 -13.23 -14.81
N ALA A 118 -9.53 -13.09 -13.49
CA ALA A 118 -10.11 -14.05 -12.55
C ALA A 118 -11.61 -13.80 -12.29
N ARG A 119 -12.11 -12.72 -12.88
CA ARG A 119 -13.49 -12.24 -12.71
C ARG A 119 -13.82 -12.02 -11.24
N CYS A 120 -12.87 -11.47 -10.50
CA CYS A 120 -13.13 -11.11 -9.11
C CYS A 120 -14.12 -9.97 -9.05
N CYS A 121 -14.85 -9.88 -7.93
CA CYS A 121 -15.75 -8.77 -7.74
C CYS A 121 -15.81 -8.31 -6.28
N ASP A 122 -16.20 -7.06 -6.09
CA ASP A 122 -16.36 -6.47 -4.76
C ASP A 122 -15.06 -6.59 -3.96
N VAL A 123 -13.97 -6.19 -4.60
CA VAL A 123 -12.65 -6.29 -4.01
C VAL A 123 -12.23 -4.99 -3.32
N THR A 124 -11.73 -5.13 -2.08
CA THR A 124 -11.13 -4.03 -1.35
C THR A 124 -9.61 -4.21 -1.33
N ILE A 125 -8.85 -3.14 -1.59
CA ILE A 125 -7.39 -3.25 -1.58
C ILE A 125 -6.79 -2.25 -0.61
N ILE A 126 -5.88 -2.73 0.22
CA ILE A 126 -5.34 -1.87 1.28
C ILE A 126 -3.83 -1.98 1.31
N ARG A 127 -3.14 -0.84 1.28
CA ARG A 127 -1.68 -0.82 1.42
C ARG A 127 -1.36 -0.66 2.91
N ILE A 128 -0.47 -1.51 3.42
CA ILE A 128 0.04 -1.35 4.78
C ILE A 128 1.54 -1.09 4.73
N GLY A 129 2.02 -0.32 5.69
CA GLY A 129 3.46 -0.06 5.72
C GLY A 129 3.87 0.93 6.76
N THR A 130 5.10 1.42 6.60
CA THR A 130 5.69 2.37 7.53
C THR A 130 5.78 3.74 6.88
N SER A 131 6.06 4.76 7.69
CA SER A 131 6.08 6.13 7.20
C SER A 131 6.82 7.03 8.19
N GLY A 132 7.18 8.22 7.75
CA GLY A 132 7.63 9.24 8.71
C GLY A 132 6.44 10.06 9.16
N GLY A 133 6.35 10.33 10.47
CA GLY A 133 5.31 11.24 10.97
C GLY A 133 5.76 12.70 10.95
N ILE A 134 4.76 13.59 10.92
CA ILE A 134 5.03 15.00 11.13
C ILE A 134 4.19 15.53 12.30
N GLY A 135 4.83 15.84 13.42
CA GLY A 135 4.13 16.45 14.56
C GLY A 135 3.15 15.54 15.28
N ILE A 136 3.35 14.23 15.13
CA ILE A 136 2.54 13.25 15.83
C ILE A 136 3.47 12.20 16.43
N ALA A 137 2.96 11.53 17.47
CA ALA A 137 3.75 10.52 18.20
C ALA A 137 4.24 9.37 17.30
N PRO A 138 5.53 9.00 17.41
CA PRO A 138 5.98 7.74 16.80
C PRO A 138 5.07 6.58 17.25
N GLY A 139 4.74 5.71 16.30
CA GLY A 139 3.87 4.57 16.56
C GLY A 139 2.41 4.82 16.19
N THR A 140 2.10 6.04 15.79
CA THR A 140 0.73 6.38 15.39
C THR A 140 0.40 5.71 14.06
N VAL A 141 -0.78 5.09 13.99
CA VAL A 141 -1.29 4.54 12.75
C VAL A 141 -2.05 5.65 12.07
N VAL A 142 -1.61 6.02 10.86
CA VAL A 142 -2.30 7.01 10.04
C VAL A 142 -3.11 6.31 8.95
N ILE A 143 -4.41 6.59 8.94
CA ILE A 143 -5.30 6.21 7.84
C ILE A 143 -5.37 7.39 6.90
N THR A 144 -4.93 7.18 5.67
CA THR A 144 -4.88 8.28 4.72
C THR A 144 -6.28 8.69 4.30
N ASP A 145 -6.60 9.98 4.38
CA ASP A 145 -7.84 10.46 3.73
C ASP A 145 -7.58 10.83 2.29
N ILE A 146 -6.51 11.59 2.06
CA ILE A 146 -6.08 11.88 0.70
C ILE A 146 -4.55 11.80 0.60
N ALA A 147 -4.07 11.26 -0.52
CA ALA A 147 -2.67 11.16 -0.82
C ALA A 147 -2.29 12.39 -1.61
N VAL A 148 -1.18 13.00 -1.24
CA VAL A 148 -0.70 14.21 -1.92
C VAL A 148 0.75 14.07 -2.38
N ASP A 149 1.12 14.88 -3.36
CA ASP A 149 2.48 14.92 -3.88
C ASP A 149 3.40 15.84 -3.05
N SER A 150 4.61 16.07 -3.52
CA SER A 150 5.61 16.83 -2.78
C SER A 150 5.21 18.29 -2.61
N PHE A 151 4.22 18.72 -3.38
CA PHE A 151 3.73 20.10 -3.37
C PHE A 151 2.42 20.20 -2.58
N PHE A 152 2.06 19.09 -1.94
CA PHE A 152 0.87 18.96 -1.08
C PHE A 152 -0.44 18.98 -1.90
N LYS A 153 -0.33 18.57 -3.16
CA LYS A 153 -1.47 18.52 -4.07
C LYS A 153 -1.94 17.08 -4.27
N PRO A 154 -3.26 16.84 -4.34
CA PRO A 154 -3.82 15.49 -4.51
C PRO A 154 -3.77 15.09 -5.97
N ARG A 155 -2.56 14.84 -6.44
CA ARG A 155 -2.41 14.49 -7.86
C ARG A 155 -1.30 13.48 -8.04
N PHE A 156 -1.45 12.70 -9.11
CA PHE A 156 -0.40 11.81 -9.57
C PHE A 156 -0.12 12.15 -11.03
N GLU A 157 1.13 12.49 -11.30
CA GLU A 157 1.53 12.87 -12.65
C GLU A 157 2.17 11.70 -13.37
N GLN A 158 1.44 11.22 -14.38
CA GLN A 158 1.83 10.10 -15.24
C GLN A 158 2.58 10.66 -16.42
N VAL A 159 3.58 9.94 -16.89
CA VAL A 159 4.20 10.28 -18.15
C VAL A 159 3.86 9.15 -19.12
N ILE A 160 3.10 9.48 -20.14
CA ILE A 160 2.57 8.51 -21.05
C ILE A 160 3.11 8.84 -22.41
N LEU A 161 3.91 7.93 -22.95
CA LEU A 161 4.78 8.23 -24.05
C LEU A 161 5.54 9.45 -23.56
N ASP A 162 5.55 10.49 -24.37
CA ASP A 162 6.20 11.71 -23.99
C ASP A 162 5.15 12.82 -23.71
N ASN A 163 4.15 12.51 -22.90
CA ASN A 163 3.12 13.47 -22.55
C ASN A 163 2.87 13.34 -21.05
N ILE A 164 2.58 14.45 -20.36
CA ILE A 164 2.28 14.39 -18.93
C ILE A 164 0.77 14.40 -18.75
N VAL A 165 0.26 13.46 -17.96
CA VAL A 165 -1.15 13.40 -17.66
C VAL A 165 -1.35 13.33 -16.16
N THR A 166 -2.23 14.19 -15.66
CA THR A 166 -2.49 14.28 -14.23
C THR A 166 -3.74 13.48 -13.83
N ARG A 167 -3.60 12.70 -12.76
CA ARG A 167 -4.69 11.86 -12.26
C ARG A 167 -5.01 12.23 -10.81
N SER A 168 -6.26 12.04 -10.42
CA SER A 168 -6.65 12.30 -9.05
C SER A 168 -6.26 11.14 -8.15
N THR A 169 -6.03 11.47 -6.90
CA THR A 169 -5.52 10.53 -5.91
C THR A 169 -6.53 10.31 -4.78
N GLU A 170 -7.82 10.41 -5.11
CA GLU A 170 -8.92 10.16 -4.17
C GLU A 170 -8.90 8.69 -3.69
N LEU A 171 -9.02 8.50 -2.39
CA LEU A 171 -9.18 7.17 -1.77
C LEU A 171 -10.58 7.08 -1.23
N ASP A 172 -11.14 5.88 -1.21
CA ASP A 172 -12.54 5.70 -0.87
C ASP A 172 -12.83 6.28 0.52
N LYS A 173 -13.71 7.28 0.57
CA LYS A 173 -14.02 7.94 1.85
C LYS A 173 -14.70 7.03 2.85
N GLU A 174 -15.68 6.23 2.39
CA GLU A 174 -16.41 5.38 3.30
C GLU A 174 -15.47 4.36 3.92
N LEU A 175 -14.52 3.88 3.12
CA LEU A 175 -13.56 2.89 3.59
C LEU A 175 -12.60 3.43 4.65
N SER A 176 -12.09 4.64 4.43
CA SER A 176 -11.19 5.26 5.40
C SER A 176 -11.94 5.47 6.72
N GLU A 177 -13.20 5.92 6.61
CA GLU A 177 -14.07 6.10 7.79
C GLU A 177 -14.34 4.77 8.51
N GLU A 178 -14.61 3.70 7.77
CA GLU A 178 -14.83 2.38 8.37
C GLU A 178 -13.59 1.86 9.10
N LEU A 179 -12.42 2.05 8.47
CA LEU A 179 -11.17 1.65 9.13
C LEU A 179 -10.95 2.45 10.42
N PHE A 180 -11.20 3.75 10.38
CA PHE A 180 -11.07 4.57 11.59
C PHE A 180 -12.02 4.08 12.69
N ASN A 181 -13.25 3.74 12.31
CA ASN A 181 -14.22 3.21 13.29
C ASN A 181 -13.75 1.91 13.92
N CYS A 182 -13.19 1.01 13.09
CA CYS A 182 -12.59 -0.22 13.59
C CYS A 182 -11.45 0.05 14.58
N SER A 183 -10.63 1.05 14.30
CA SER A 183 -9.47 1.35 15.16
C SER A 183 -9.87 1.71 16.60
N LYS A 184 -11.05 2.31 16.74
CA LYS A 184 -11.59 2.72 18.05
C LYS A 184 -11.78 1.52 18.99
N GLU A 185 -12.07 0.35 18.40
CA GLU A 185 -12.21 -0.91 19.17
C GLU A 185 -10.89 -1.43 19.75
N ILE A 186 -9.75 -0.94 19.26
CA ILE A 186 -8.47 -1.52 19.64
C ILE A 186 -7.82 -0.68 20.74
N PRO A 187 -7.58 -1.32 21.90
CA PRO A 187 -7.01 -0.50 22.97
C PRO A 187 -5.51 -0.30 22.72
N ASN A 188 -4.97 0.80 23.25
CA ASN A 188 -3.53 1.02 23.24
C ASN A 188 -3.01 1.13 21.78
N PHE A 189 -3.82 1.77 20.93
CA PHE A 189 -3.66 1.74 19.45
C PHE A 189 -3.92 3.15 18.94
N PRO A 190 -2.89 4.04 19.01
CA PRO A 190 -3.11 5.44 18.63
C PRO A 190 -3.27 5.54 17.11
N THR A 191 -4.40 6.10 16.68
CA THR A 191 -4.77 6.18 15.26
C THR A 191 -5.27 7.57 14.92
N LEU A 192 -4.98 8.02 13.71
CA LEU A 192 -5.62 9.23 13.22
C LEU A 192 -5.82 9.18 11.72
N VAL A 193 -6.77 9.96 11.24
CA VAL A 193 -6.93 10.17 9.82
C VAL A 193 -6.24 11.46 9.43
N GLY A 194 -5.44 11.41 8.36
CA GLY A 194 -4.81 12.65 7.86
C GLY A 194 -4.27 12.48 6.46
N HIS A 195 -3.72 13.54 5.87
CA HIS A 195 -3.18 13.38 4.53
C HIS A 195 -1.81 12.70 4.59
N THR A 196 -1.48 12.03 3.50
CA THR A 196 -0.21 11.31 3.38
C THR A 196 0.53 11.85 2.18
N MET A 197 1.77 12.29 2.41
CA MET A 197 2.59 12.78 1.32
C MET A 197 3.45 11.65 0.75
N CYS A 198 3.43 11.52 -0.58
CA CYS A 198 4.16 10.46 -1.27
C CYS A 198 5.27 11.11 -2.07
N THR A 199 6.50 10.62 -1.90
CA THR A 199 7.66 11.23 -2.60
C THR A 199 8.44 10.22 -3.44
N TYR A 200 9.23 10.74 -4.38
CA TYR A 200 10.06 9.90 -5.28
C TYR A 200 11.47 9.65 -4.73
N ASP A 201 11.81 10.33 -3.65
CA ASP A 201 13.11 10.20 -3.01
C ASP A 201 12.89 10.23 -1.48
N PHE A 202 13.61 9.37 -0.80
CA PHE A 202 13.47 9.16 0.64
C PHE A 202 14.24 10.22 1.39
N TYR A 203 15.29 10.76 0.75
CA TYR A 203 16.25 11.63 1.44
C TYR A 203 15.86 13.08 1.19
N GLU A 204 16.36 13.66 0.10
CA GLU A 204 16.08 15.06 -0.15
C GLU A 204 14.59 15.27 -0.39
N GLY A 205 13.95 14.27 -1.00
CA GLY A 205 12.51 14.34 -1.25
C GLY A 205 11.68 14.46 0.01
N GLN A 206 12.21 14.02 1.13
CA GLN A 206 11.50 14.12 2.40
C GLN A 206 12.16 15.10 3.37
N GLY A 207 13.02 15.95 2.84
CA GLY A 207 13.67 16.98 3.67
C GLY A 207 14.71 16.44 4.63
N ARG A 208 15.21 15.23 4.35
CA ARG A 208 16.27 14.66 5.22
C ARG A 208 17.60 15.41 5.12
N LEU A 209 18.32 15.47 6.24
CA LEU A 209 19.67 16.04 6.30
C LEU A 209 20.79 14.99 6.27
N ASP A 210 20.46 13.71 6.06
CA ASP A 210 21.45 12.64 6.20
C ASP A 210 21.70 11.83 4.92
N GLY A 211 21.28 12.36 3.77
CA GLY A 211 21.55 11.65 2.51
C GLY A 211 22.99 11.82 2.03
N ALA A 212 23.31 11.16 0.91
CA ALA A 212 24.61 11.39 0.26
C ALA A 212 24.60 12.78 -0.32
N LEU A 213 23.40 13.29 -0.59
CA LEU A 213 23.17 14.62 -1.12
C LEU A 213 22.22 15.35 -0.18
N CYS A 214 22.62 16.57 0.23
CA CYS A 214 21.70 17.47 0.94
C CYS A 214 22.06 18.90 0.54
N SER A 215 21.17 19.51 -0.25
CA SER A 215 21.43 20.83 -0.83
C SER A 215 20.67 21.96 -0.14
N PHE A 216 20.17 21.73 1.07
CA PHE A 216 19.39 22.74 1.80
C PHE A 216 19.74 22.72 3.30
N SER A 217 19.22 23.70 4.06
CA SER A 217 19.50 23.83 5.47
C SER A 217 18.44 23.16 6.34
N ARG A 218 18.80 22.92 7.60
CA ARG A 218 17.85 22.47 8.60
C ARG A 218 16.64 23.41 8.67
N GLU A 219 16.89 24.72 8.64
CA GLU A 219 15.77 25.66 8.68
C GLU A 219 14.80 25.41 7.52
N LYS A 220 15.32 25.19 6.31
CA LYS A 220 14.46 24.92 5.14
C LYS A 220 13.69 23.59 5.28
N LYS A 221 14.35 22.57 5.84
CA LYS A 221 13.69 21.29 6.13
C LYS A 221 12.46 21.53 7.00
N LEU A 222 12.68 22.23 8.12
CA LEU A 222 11.62 22.39 9.10
C LEU A 222 10.50 23.26 8.54
N ASP A 223 10.83 24.29 7.79
CA ASP A 223 9.80 25.10 7.14
C ASP A 223 8.92 24.26 6.18
N TYR A 224 9.57 23.42 5.38
CA TYR A 224 8.85 22.53 4.47
C TYR A 224 7.88 21.61 5.22
N LEU A 225 8.41 20.93 6.23
CA LEU A 225 7.61 20.01 7.03
C LEU A 225 6.46 20.71 7.77
N LYS A 226 6.71 21.92 8.28
CA LYS A 226 5.66 22.68 8.95
C LYS A 226 4.57 23.11 7.97
N ARG A 227 4.94 23.50 6.76
CA ARG A 227 3.95 23.79 5.71
C ARG A 227 3.16 22.53 5.35
N ALA A 228 3.84 21.40 5.28
CA ALA A 228 3.13 20.15 4.98
C ALA A 228 2.08 19.90 6.07
N PHE A 229 2.47 20.12 7.33
CA PHE A 229 1.57 19.87 8.47
C PHE A 229 0.36 20.82 8.38
N LYS A 230 0.63 22.09 8.08
CA LYS A 230 -0.45 23.07 7.91
C LYS A 230 -1.45 22.64 6.84
N ALA A 231 -0.93 22.05 5.76
CA ALA A 231 -1.77 21.53 4.66
C ALA A 231 -2.62 20.34 5.09
N GLY A 232 -2.22 19.66 6.18
CA GLY A 232 -2.95 18.52 6.71
C GLY A 232 -2.20 17.21 6.61
N VAL A 233 -0.98 17.28 6.11
CA VAL A 233 -0.14 16.07 6.01
C VAL A 233 0.28 15.63 7.41
N ARG A 234 0.16 14.34 7.68
CA ARG A 234 0.57 13.79 8.97
C ARG A 234 1.66 12.71 8.82
N ASN A 235 1.81 12.17 7.61
CA ASN A 235 2.87 11.18 7.40
C ASN A 235 3.36 11.20 5.97
N ILE A 236 4.50 10.54 5.75
CA ILE A 236 5.24 10.60 4.50
C ILE A 236 5.69 9.19 4.15
N GLU A 237 5.36 8.79 2.93
CA GLU A 237 5.79 7.46 2.41
C GLU A 237 6.02 7.54 0.89
N MET A 238 6.07 6.40 0.20
CA MET A 238 6.58 6.42 -1.18
C MET A 238 5.71 5.71 -2.22
N GLU A 239 4.47 5.34 -1.86
CA GLU A 239 3.62 4.64 -2.83
C GLU A 239 2.18 5.14 -2.96
N SER A 240 1.71 5.94 -2.01
CA SER A 240 0.25 6.24 -1.92
C SER A 240 -0.40 6.94 -3.12
N THR A 241 0.29 7.85 -3.81
CA THR A 241 -0.40 8.59 -4.88
C THR A 241 -0.67 7.69 -6.10
N VAL A 242 0.35 6.95 -6.56
CA VAL A 242 0.11 6.07 -7.71
C VAL A 242 -0.88 4.96 -7.33
N PHE A 243 -0.79 4.47 -6.10
CA PHE A 243 -1.73 3.46 -5.62
C PHE A 243 -3.16 3.99 -5.69
N ALA A 244 -3.39 5.16 -5.13
CA ALA A 244 -4.74 5.74 -5.12
C ALA A 244 -5.20 5.98 -6.55
N ALA A 245 -4.31 6.48 -7.39
CA ALA A 245 -4.70 6.87 -8.75
C ALA A 245 -5.09 5.64 -9.57
N MET A 246 -4.25 4.62 -9.56
CA MET A 246 -4.55 3.43 -10.37
C MET A 246 -5.76 2.67 -9.86
N CYS A 247 -5.88 2.50 -8.55
CA CYS A 247 -7.01 1.75 -8.00
C CYS A 247 -8.30 2.50 -8.31
N GLY A 248 -8.26 3.81 -8.17
CA GLY A 248 -9.39 4.71 -8.53
C GLY A 248 -9.81 4.60 -9.98
N LEU A 249 -8.85 4.67 -10.91
CA LEU A 249 -9.13 4.56 -12.35
C LEU A 249 -9.82 3.23 -12.73
N CYS A 250 -9.52 2.18 -11.98
CA CYS A 250 -9.99 0.82 -12.29
C CYS A 250 -11.12 0.40 -11.38
N GLY A 251 -11.72 1.41 -10.75
CA GLY A 251 -12.87 1.25 -9.86
C GLY A 251 -12.69 0.29 -8.70
N LEU A 252 -11.50 0.20 -8.13
CA LEU A 252 -11.25 -0.64 -6.94
C LEU A 252 -11.27 0.26 -5.68
N LYS A 253 -11.95 -0.17 -4.62
CA LYS A 253 -12.00 0.64 -3.38
C LYS A 253 -10.72 0.43 -2.57
N ALA A 254 -9.97 1.52 -2.35
CA ALA A 254 -8.62 1.41 -1.79
C ALA A 254 -8.43 2.28 -0.57
N ALA A 255 -7.52 1.82 0.29
CA ALA A 255 -7.12 2.58 1.48
C ALA A 255 -5.63 2.40 1.73
N VAL A 256 -5.06 3.33 2.51
CA VAL A 256 -3.65 3.29 2.91
C VAL A 256 -3.58 3.43 4.43
N VAL A 257 -2.88 2.50 5.06
CA VAL A 257 -2.76 2.46 6.51
C VAL A 257 -1.29 2.23 6.87
N CYS A 258 -0.64 3.28 7.38
CA CYS A 258 0.79 3.20 7.67
C CYS A 258 1.07 3.65 9.06
N VAL A 259 2.00 2.99 9.73
CA VAL A 259 2.42 3.43 11.06
C VAL A 259 3.60 4.40 10.90
N THR A 260 3.74 5.33 11.86
CA THR A 260 4.90 6.23 11.84
C THR A 260 6.01 5.65 12.71
N LEU A 261 7.25 5.87 12.30
CA LEU A 261 8.39 5.33 13.07
C LEU A 261 9.19 6.38 13.80
N LEU A 262 8.92 7.63 13.49
CA LEU A 262 9.65 8.77 14.08
C LEU A 262 8.85 10.01 13.80
N ASP A 263 9.16 11.09 14.53
CA ASP A 263 8.59 12.40 14.20
C ASP A 263 9.66 13.16 13.45
N ARG A 264 9.40 13.47 12.17
CA ARG A 264 10.40 14.09 11.31
C ARG A 264 10.72 15.53 11.70
N LEU A 265 9.88 16.13 12.55
CA LEU A 265 10.24 17.45 13.06
C LEU A 265 11.46 17.34 13.97
N ASP A 266 11.71 16.15 14.50
CA ASP A 266 12.77 15.92 15.48
C ASP A 266 14.02 15.23 14.94
N CYS A 267 13.83 14.28 14.02
CA CYS A 267 14.98 13.53 13.51
C CYS A 267 14.73 12.89 12.14
N ASP A 268 15.77 12.29 11.59
CA ASP A 268 15.67 11.60 10.30
C ASP A 268 15.91 10.11 10.47
N GLN A 269 16.66 9.76 11.51
CA GLN A 269 17.06 8.37 11.76
C GLN A 269 16.21 7.83 12.93
N ILE A 270 15.84 6.55 12.88
CA ILE A 270 15.04 5.94 13.94
C ILE A 270 15.92 5.73 15.18
N ASN A 271 15.36 6.09 16.33
CA ASN A 271 15.96 5.79 17.63
C ASN A 271 14.89 5.14 18.51
N LEU A 272 14.69 3.84 18.30
CA LEU A 272 13.73 3.06 19.06
C LEU A 272 14.40 1.74 19.40
N PRO A 273 14.11 1.16 20.58
CA PRO A 273 14.54 -0.21 20.83
C PRO A 273 13.94 -1.16 19.81
N HIS A 274 14.65 -2.25 19.51
CA HIS A 274 14.16 -3.22 18.52
C HIS A 274 12.76 -3.75 18.84
N ASP A 275 12.50 -4.06 20.11
CA ASP A 275 11.24 -4.65 20.48
C ASP A 275 10.07 -3.66 20.29
N VAL A 276 10.33 -2.37 20.50
CA VAL A 276 9.30 -1.35 20.33
C VAL A 276 9.01 -1.20 18.82
N LEU A 277 10.05 -1.20 18.02
CA LEU A 277 9.92 -1.12 16.56
C LEU A 277 9.07 -2.29 16.02
N VAL A 278 9.37 -3.50 16.48
CA VAL A 278 8.57 -4.68 16.13
C VAL A 278 7.08 -4.48 16.44
N GLU A 279 6.79 -4.02 17.66
CA GLU A 279 5.45 -3.62 18.08
C GLU A 279 4.80 -2.61 17.10
N TYR A 280 5.51 -1.53 16.80
CA TYR A 280 4.93 -0.54 15.90
C TYR A 280 4.64 -1.13 14.53
N GLN A 281 5.58 -1.92 14.03
CA GLN A 281 5.49 -2.42 12.64
C GLN A 281 4.28 -3.32 12.42
N GLN A 282 3.83 -4.02 13.46
CA GLN A 282 2.66 -4.90 13.31
C GLN A 282 1.32 -4.17 13.47
N ARG A 283 1.33 -2.88 13.76
CA ARG A 283 0.07 -2.20 14.03
C ARG A 283 -0.87 -2.13 12.82
N PRO A 284 -0.36 -1.77 11.62
CA PRO A 284 -1.31 -1.76 10.50
C PRO A 284 -2.00 -3.11 10.26
N GLN A 285 -1.26 -4.21 10.32
CA GLN A 285 -1.89 -5.51 10.05
C GLN A 285 -2.94 -5.85 11.13
N LEU A 286 -2.72 -5.38 12.36
CA LEU A 286 -3.73 -5.60 13.41
C LEU A 286 -5.05 -4.91 13.06
N LEU A 287 -4.98 -3.66 12.59
CA LEU A 287 -6.18 -2.98 12.17
C LEU A 287 -6.86 -3.69 11.01
N ILE A 288 -6.07 -4.15 10.04
CA ILE A 288 -6.63 -4.79 8.85
C ILE A 288 -7.33 -6.11 9.23
N SER A 289 -6.74 -6.87 10.15
CA SER A 289 -7.37 -8.11 10.64
C SER A 289 -8.71 -7.85 11.33
N ASN A 290 -8.79 -6.80 12.15
CA ASN A 290 -10.08 -6.36 12.74
C ASN A 290 -11.11 -6.01 11.67
N PHE A 291 -10.70 -5.20 10.70
CA PHE A 291 -11.52 -4.81 9.58
C PHE A 291 -12.08 -6.02 8.84
N ILE A 292 -11.21 -6.96 8.48
CA ILE A 292 -11.65 -8.08 7.63
C ILE A 292 -12.66 -8.93 8.43
N ARG A 293 -12.34 -9.17 9.71
CA ARG A 293 -13.22 -9.96 10.59
C ARG A 293 -14.60 -9.32 10.63
N ARG A 294 -14.64 -8.00 10.76
CA ARG A 294 -15.93 -7.29 10.79
C ARG A 294 -16.71 -7.44 9.48
N ARG A 295 -16.03 -7.27 8.34
CA ARG A 295 -16.66 -7.41 7.03
C ARG A 295 -17.26 -8.79 6.80
N LEU A 296 -16.59 -9.81 7.29
CA LEU A 296 -17.00 -11.19 7.06
C LEU A 296 -18.05 -11.69 8.04
N GLY A 297 -18.20 -11.01 9.18
CA GLY A 297 -19.14 -11.43 10.23
C GLY A 297 -20.60 -11.32 9.81
OAC BAU B . 11.79 2.18 4.16
CAJ BAU B . 11.41 2.63 2.82
CAK BAU B . 10.39 3.81 2.82
OAO BAU B . 9.36 3.37 3.58
CAM BAU B . 8.38 4.39 3.93
NAT BAU B . 8.93 5.43 4.77
CAS BAU B . 9.21 6.68 4.22
OAB BAU B . 8.95 6.93 3.05
NAN BAU B . 9.77 7.67 5.01
CAR BAU B . 10.15 7.43 6.33
OAA BAU B . 10.64 8.36 7.01
CAI BAU B . 9.30 5.16 6.09
CAQ BAU B . 9.89 6.17 6.88
CAL BAU B . 10.28 5.81 8.32
CG BAU B . 11.79 5.46 8.37
CD2 BAU B . 12.21 4.24 7.78
CE2 BAU B . 13.57 3.88 7.81
CZ BAU B . 14.49 4.72 8.40
CE1 BAU B . 14.10 5.92 8.99
CD1 BAU B . 12.72 6.29 8.97
CO CO C . -5.79 19.64 4.05
CO CO D . -11.02 -8.32 -20.41
MG MG E . 7.81 15.61 18.21
#